data_2O1A
#
_entry.id   2O1A
#
_cell.length_a   52.186
_cell.length_b   82.141
_cell.length_c   91.279
_cell.angle_alpha   90.00
_cell.angle_beta   90.00
_cell.angle_gamma   90.00
#
_symmetry.space_group_name_H-M   'I 2 2 2'
#
loop_
_entity.id
_entity.type
_entity.pdbx_description
1 polymer 'Iron-regulated surface determinant protein A'
2 non-polymer 'SULFATE ION'
3 non-polymer 1,2-ETHANEDIOL
4 water water
#
_entity_poly.entity_id   1
_entity_poly.type   'polypeptide(L)'
_entity_poly.pdbx_seq_one_letter_code
;ATEATNATNNQSTQVSQATSQPINFQVQKDGSSEKSH(MSE)DDY(MSE)QHPGKVIKQNNKYYFQTVLNNASFWKEYKF
YNANNQELATTVVNDNKKADTRTINVAVEPGYKSLTTKVHIVVPQINYNHRYTTHLEFEKAIPTLADAAK
;
_entity_poly.pdbx_strand_id   A
#
loop_
_chem_comp.id
_chem_comp.type
_chem_comp.name
_chem_comp.formula
EDO non-polymer 1,2-ETHANEDIOL 'C2 H6 O2'
SO4 non-polymer 'SULFATE ION' 'O4 S -2'
#
# COMPACT_ATOMS: atom_id res chain seq x y z
N GLN A 17 -1.16 -2.21 23.64
CA GLN A 17 -2.33 -1.44 23.12
C GLN A 17 -2.13 -1.13 21.64
N ALA A 18 -3.24 -1.08 20.92
CA ALA A 18 -3.24 -0.64 19.53
C ALA A 18 -4.40 0.31 19.34
N THR A 19 -4.21 1.23 18.41
CA THR A 19 -5.26 2.12 17.99
C THR A 19 -5.23 2.15 16.48
N SER A 20 -6.41 2.21 15.89
CA SER A 20 -6.51 2.23 14.44
C SER A 20 -7.61 3.16 13.94
N GLN A 21 -7.45 3.62 12.71
CA GLN A 21 -8.45 4.48 12.06
C GLN A 21 -8.40 4.15 10.58
N PRO A 22 -9.54 4.19 9.89
CA PRO A 22 -9.50 4.05 8.42
C PRO A 22 -8.78 5.23 7.78
N ILE A 23 -8.20 5.01 6.61
CA ILE A 23 -7.65 6.13 5.84
C ILE A 23 -7.92 5.90 4.37
N ASN A 24 -8.54 6.87 3.72
CA ASN A 24 -8.77 6.80 2.29
C ASN A 24 -7.47 7.06 1.53
N PHE A 25 -7.41 6.52 0.31
CA PHE A 25 -6.23 6.75 -0.51
C PHE A 25 -6.55 6.52 -1.94
N GLN A 26 -5.62 6.98 -2.79
CA GLN A 26 -5.68 6.65 -4.23
C GLN A 26 -4.29 6.47 -4.79
N VAL A 27 -4.07 5.35 -5.48
CA VAL A 27 -2.78 5.18 -6.19
C VAL A 27 -2.87 5.98 -7.48
N GLN A 28 -1.85 6.82 -7.70
CA GLN A 28 -1.80 7.72 -8.86
C GLN A 28 -0.58 7.47 -9.75
N LYS A 29 -0.68 7.91 -11.01
CA LYS A 29 0.36 7.65 -12.01
C LYS A 29 1.64 8.42 -11.76
N ASP A 30 2.77 7.83 -12.13
CA ASP A 30 4.03 8.51 -12.03
C ASP A 30 3.96 9.81 -12.85
N GLY A 31 4.34 10.92 -12.23
CA GLY A 31 4.45 12.22 -12.92
C GLY A 31 3.16 13.00 -13.06
N SER A 32 2.09 12.53 -12.44
CA SER A 32 0.82 13.29 -12.45
C SER A 32 -0.08 12.91 -11.27
N SER A 33 -1.22 13.56 -11.14
CA SER A 33 -2.17 13.19 -10.12
C SER A 33 -3.27 12.26 -10.65
N GLU A 34 -3.16 11.79 -11.89
CA GLU A 34 -4.18 10.98 -12.52
C GLU A 34 -4.24 9.64 -11.80
N LYS A 35 -5.43 9.11 -11.59
CA LYS A 35 -5.57 7.78 -11.01
CA LYS A 35 -5.58 7.78 -11.02
C LYS A 35 -4.82 6.75 -11.84
N SER A 36 -4.17 5.82 -11.15
CA SER A 36 -3.55 4.64 -11.75
C SER A 36 -4.46 3.42 -11.71
N HIS A 37 -4.35 2.56 -12.71
N HIS A 37 -4.35 2.58 -12.74
CA HIS A 37 -5.10 1.29 -12.69
CA HIS A 37 -5.06 1.30 -12.75
C HIS A 37 -4.63 0.42 -11.52
C HIS A 37 -4.65 0.50 -11.51
N MSE A 38 -3.42 0.71 -11.00
CA MSE A 38 -2.96 0.01 -9.80
C MSE A 38 -3.91 0.19 -8.62
O MSE A 38 -4.00 -0.67 -7.73
CB MSE A 38 -1.55 0.44 -9.41
CG MSE A 38 -1.03 -0.40 -8.32
SE MSE A 38 0.82 -0.03 -7.93
CE MSE A 38 0.58 -0.07 -5.93
N ASP A 39 -4.64 1.31 -8.59
CA ASP A 39 -5.56 1.55 -7.49
C ASP A 39 -6.59 0.45 -7.39
N ASP A 40 -6.92 -0.16 -8.53
CA ASP A 40 -7.93 -1.24 -8.51
C ASP A 40 -7.43 -2.52 -7.81
N TYR A 41 -6.11 -2.64 -7.68
CA TYR A 41 -5.51 -3.83 -7.06
C TYR A 41 -5.46 -3.79 -5.54
N MSE A 42 -5.98 -2.73 -4.93
CA MSE A 42 -5.90 -2.60 -3.47
C MSE A 42 -7.27 -2.24 -2.92
O MSE A 42 -8.02 -1.49 -3.56
CB MSE A 42 -4.90 -1.53 -3.08
CG MSE A 42 -3.52 -1.83 -3.67
SE MSE A 42 -2.22 -0.39 -3.29
CE MSE A 42 -1.72 -0.89 -1.48
N GLN A 43 -7.61 -2.78 -1.78
CA GLN A 43 -8.94 -2.49 -1.18
C GLN A 43 -8.97 -1.11 -0.54
N HIS A 44 -10.17 -0.52 -0.44
CA HIS A 44 -10.28 0.84 0.13
C HIS A 44 -11.43 0.85 1.12
N PRO A 45 -11.31 1.67 2.18
CA PRO A 45 -10.14 2.45 2.57
C PRO A 45 -9.10 1.50 3.16
N GLY A 46 -7.89 2.00 3.36
CA GLY A 46 -6.89 1.28 4.14
C GLY A 46 -7.08 1.57 5.62
N LYS A 47 -6.06 1.28 6.43
CA LYS A 47 -6.12 1.52 7.86
C LYS A 47 -4.79 2.02 8.35
N VAL A 48 -4.82 2.97 9.28
CA VAL A 48 -3.61 3.35 10.03
CA VAL A 48 -3.61 3.32 10.00
C VAL A 48 -3.67 2.64 11.35
N ILE A 49 -2.56 2.02 11.75
CA ILE A 49 -2.49 1.37 13.07
C ILE A 49 -1.29 1.91 13.80
N LYS A 50 -1.47 2.21 15.09
CA LYS A 50 -0.35 2.51 15.96
C LYS A 50 -0.29 1.39 16.98
N GLN A 51 0.85 0.71 17.02
CA GLN A 51 1.08 -0.32 18.04
CA GLN A 51 1.12 -0.39 17.97
C GLN A 51 2.52 -0.21 18.55
N ASN A 52 2.76 -0.46 19.84
N ASN A 52 2.57 -0.54 19.83
CA ASN A 52 4.10 -0.25 20.46
CA ASN A 52 2.83 0.44 20.87
C ASN A 52 4.95 0.90 19.89
C ASN A 52 3.10 1.86 20.41
N ASN A 53 4.31 2.06 19.88
CA ASN A 53 4.80 3.36 19.46
C ASN A 53 5.27 3.43 18.01
N LYS A 54 4.79 2.49 17.19
CA LYS A 54 5.12 2.48 15.78
C LYS A 54 3.84 2.54 14.95
N TYR A 55 3.95 3.14 13.76
CA TYR A 55 2.79 3.32 12.89
C TYR A 55 2.91 2.49 11.66
N TYR A 56 1.76 1.98 11.21
CA TYR A 56 1.69 1.22 9.99
C TYR A 56 0.48 1.64 9.17
N PHE A 57 0.64 1.51 7.86
CA PHE A 57 -0.49 1.58 6.91
C PHE A 57 -0.81 0.13 6.55
N GLN A 58 -2.00 -0.34 6.93
CA GLN A 58 -2.38 -1.74 6.67
C GLN A 58 -3.35 -1.75 5.49
N THR A 59 -3.07 -2.61 4.53
CA THR A 59 -3.77 -2.56 3.24
C THR A 59 -3.95 -3.96 2.74
N VAL A 60 -5.01 -4.18 1.96
CA VAL A 60 -5.32 -5.52 1.46
C VAL A 60 -5.15 -5.55 -0.05
N LEU A 61 -4.29 -6.45 -0.50
CA LEU A 61 -3.97 -6.58 -1.92
C LEU A 61 -4.97 -7.52 -2.55
N ASN A 62 -5.68 -7.05 -3.59
CA ASN A 62 -6.57 -7.91 -4.40
C ASN A 62 -5.76 -8.73 -5.38
N ASN A 63 -6.27 -9.92 -5.72
CA ASN A 63 -5.56 -10.76 -6.70
C ASN A 63 -4.11 -10.93 -6.33
N ALA A 64 -3.89 -11.32 -5.08
CA ALA A 64 -2.55 -11.34 -4.48
C ALA A 64 -1.62 -12.21 -5.31
N SER A 65 -2.16 -13.30 -5.90
CA SER A 65 -1.36 -14.19 -6.78
C SER A 65 -0.71 -13.47 -7.97
N PHE A 66 -1.24 -12.29 -8.35
CA PHE A 66 -0.70 -11.53 -9.47
C PHE A 66 0.47 -10.66 -9.05
N TRP A 67 0.61 -10.41 -7.76
CA TRP A 67 1.65 -9.48 -7.29
C TRP A 67 2.97 -10.24 -7.12
N LYS A 68 3.78 -10.22 -8.16
CA LYS A 68 5.09 -10.91 -8.11
C LYS A 68 6.06 -10.24 -7.14
N GLU A 69 6.03 -8.92 -7.11
CA GLU A 69 6.90 -8.16 -6.20
C GLU A 69 6.25 -6.83 -5.88
N TYR A 70 6.51 -6.35 -4.68
CA TYR A 70 6.07 -5.01 -4.29
C TYR A 70 7.10 -4.39 -3.36
N LYS A 71 7.31 -3.10 -3.57
CA LYS A 71 8.21 -2.31 -2.74
C LYS A 71 7.57 -0.97 -2.49
N PHE A 72 7.67 -0.51 -1.24
CA PHE A 72 7.19 0.80 -0.83
C PHE A 72 8.31 1.64 -0.31
N TYR A 73 8.19 2.92 -0.61
CA TYR A 73 9.21 3.98 -0.17
C TYR A 73 8.48 5.20 0.32
N ASN A 74 9.13 5.97 1.21
CA ASN A 74 8.56 7.28 1.56
C ASN A 74 8.83 8.29 0.45
N ALA A 75 8.37 9.53 0.64
CA ALA A 75 8.47 10.55 -0.39
C ALA A 75 9.92 10.91 -0.65
N ASN A 76 10.80 10.58 0.30
CA ASN A 76 12.26 10.76 0.12
C ASN A 76 12.98 9.55 -0.46
N ASN A 77 12.19 8.58 -0.93
CA ASN A 77 12.69 7.34 -1.55
C ASN A 77 13.41 6.40 -0.59
N GLN A 78 13.21 6.60 0.72
CA GLN A 78 13.73 5.62 1.68
C GLN A 78 12.85 4.37 1.71
N GLU A 79 13.50 3.22 1.88
CA GLU A 79 12.76 1.94 1.90
C GLU A 79 11.87 1.81 3.12
N LEU A 80 10.63 1.33 2.93
CA LEU A 80 9.73 1.11 4.07
C LEU A 80 9.49 -0.38 4.29
N ALA A 81 9.63 -0.84 5.54
CA ALA A 81 9.40 -2.28 5.87
C ALA A 81 7.98 -2.68 5.59
N THR A 82 7.83 -3.83 4.94
CA THR A 82 6.49 -4.44 4.84
C THR A 82 6.49 -5.79 5.54
N THR A 83 5.33 -6.14 6.09
CA THR A 83 5.14 -7.44 6.74
CA THR A 83 5.13 -7.40 6.78
C THR A 83 3.81 -8.00 6.31
N VAL A 84 3.77 -9.32 6.14
CA VAL A 84 2.51 -9.98 5.80
C VAL A 84 1.74 -10.27 7.08
N VAL A 85 0.52 -9.75 7.14
CA VAL A 85 -0.39 -9.91 8.28
C VAL A 85 -1.26 -11.16 8.06
N ASN A 86 -1.70 -11.34 6.81
CA ASN A 86 -2.58 -12.44 6.47
C ASN A 86 -2.48 -12.76 5.00
N ASP A 87 -2.50 -14.06 4.67
CA ASP A 87 -2.64 -14.53 3.29
C ASP A 87 -3.93 -15.34 3.25
N ASN A 88 -4.88 -14.91 2.42
CA ASN A 88 -6.14 -15.61 2.27
C ASN A 88 -6.14 -16.19 0.87
N LYS A 89 -5.73 -17.45 0.77
CA LYS A 89 -5.53 -18.09 -0.55
C LYS A 89 -6.85 -18.33 -1.27
N LYS A 90 -7.88 -18.62 -0.47
CA LYS A 90 -9.21 -18.84 -1.00
C LYS A 90 -9.77 -17.59 -1.70
N ALA A 91 -9.60 -16.41 -1.08
CA ALA A 91 -10.09 -15.14 -1.64
C ALA A 91 -9.05 -14.50 -2.58
N ASP A 92 -7.85 -15.09 -2.59
CA ASP A 92 -6.68 -14.55 -3.29
C ASP A 92 -6.40 -13.11 -2.88
N THR A 93 -6.34 -12.89 -1.58
CA THR A 93 -5.93 -11.57 -1.07
C THR A 93 -4.76 -11.72 -0.11
N ARG A 94 -4.03 -10.61 0.10
CA ARG A 94 -2.97 -10.62 1.09
C ARG A 94 -3.07 -9.30 1.82
N THR A 95 -3.00 -9.37 3.15
CA THR A 95 -3.02 -8.16 3.99
CA THR A 95 -2.99 -8.12 3.93
C THR A 95 -1.60 -7.87 4.44
N ILE A 96 -1.14 -6.64 4.20
CA ILE A 96 0.22 -6.26 4.60
C ILE A 96 0.20 -5.01 5.46
N ASN A 97 1.24 -4.85 6.30
CA ASN A 97 1.51 -3.61 7.00
C ASN A 97 2.70 -2.94 6.33
N VAL A 98 2.60 -1.64 6.11
CA VAL A 98 3.73 -0.88 5.56
C VAL A 98 4.14 0.13 6.64
N ALA A 99 5.42 0.13 7.04
CA ALA A 99 5.84 1.09 8.08
C ALA A 99 5.69 2.52 7.56
N VAL A 100 5.09 3.37 8.41
CA VAL A 100 4.91 4.79 8.07
C VAL A 100 5.19 5.66 9.29
N GLU A 101 5.14 6.97 9.09
CA GLU A 101 5.21 7.92 10.21
CA GLU A 101 5.20 7.90 10.22
C GLU A 101 4.07 8.93 10.13
N PRO A 102 3.63 9.46 11.29
CA PRO A 102 2.66 10.54 11.23
C PRO A 102 3.18 11.62 10.30
N GLY A 103 2.30 12.23 9.51
CA GLY A 103 2.70 13.26 8.57
C GLY A 103 2.94 12.79 7.15
N TYR A 104 3.21 11.50 6.96
CA TYR A 104 3.37 10.99 5.59
C TYR A 104 2.10 11.29 4.80
N LYS A 105 2.29 11.82 3.59
CA LYS A 105 1.16 12.11 2.69
CA LYS A 105 1.22 12.16 2.66
C LYS A 105 1.11 11.16 1.52
N SER A 106 2.23 10.51 1.20
CA SER A 106 2.22 9.53 0.15
C SER A 106 3.24 8.43 0.39
N LEU A 107 3.11 7.39 -0.41
CA LEU A 107 4.15 6.33 -0.52
C LEU A 107 4.48 6.18 -1.99
N THR A 108 5.77 6.12 -2.32
CA THR A 108 6.13 5.71 -3.65
C THR A 108 6.09 4.20 -3.73
N THR A 109 5.57 3.67 -4.83
CA THR A 109 5.52 2.23 -4.92
C THR A 109 6.17 1.72 -6.21
N LYS A 110 6.72 0.53 -6.12
CA LYS A 110 7.24 -0.17 -7.28
CA LYS A 110 7.22 -0.17 -7.29
C LYS A 110 6.62 -1.57 -7.22
N VAL A 111 5.79 -1.91 -8.21
CA VAL A 111 5.01 -3.17 -8.16
C VAL A 111 5.06 -3.91 -9.48
N HIS A 112 5.32 -5.21 -9.39
CA HIS A 112 5.42 -6.07 -10.57
C HIS A 112 4.23 -7.01 -10.59
N ILE A 113 3.33 -6.79 -11.56
CA ILE A 113 2.13 -7.64 -11.76
C ILE A 113 2.42 -8.60 -12.88
N VAL A 114 2.18 -9.87 -12.62
CA VAL A 114 2.42 -10.94 -13.61
C VAL A 114 1.27 -11.93 -13.60
N VAL A 115 0.76 -12.22 -14.79
CA VAL A 115 -0.23 -13.27 -14.97
C VAL A 115 0.32 -14.13 -16.14
N PRO A 116 1.19 -15.14 -15.83
CA PRO A 116 1.89 -15.87 -16.92
C PRO A 116 0.97 -16.57 -17.93
N GLN A 117 -0.20 -17.03 -17.49
CA GLN A 117 -1.09 -17.73 -18.39
C GLN A 117 -1.54 -16.86 -19.57
N ILE A 118 -1.55 -15.55 -19.40
CA ILE A 118 -1.92 -14.66 -20.50
CA ILE A 118 -1.94 -14.61 -20.44
C ILE A 118 -0.74 -13.79 -20.91
N ASN A 119 0.44 -14.17 -20.43
CA ASN A 119 1.69 -13.48 -20.79
CA ASN A 119 1.69 -13.48 -20.79
C ASN A 119 1.58 -12.00 -20.49
N TYR A 120 0.92 -11.69 -19.39
CA TYR A 120 0.78 -10.32 -18.90
C TYR A 120 1.91 -10.05 -17.92
N ASN A 121 2.64 -8.95 -18.11
CA ASN A 121 3.78 -8.69 -17.27
C ASN A 121 3.96 -7.18 -17.25
N HIS A 122 3.66 -6.54 -16.11
CA HIS A 122 3.60 -5.08 -16.07
C HIS A 122 4.33 -4.58 -14.84
N ARG A 123 5.13 -3.52 -14.99
CA ARG A 123 5.78 -2.84 -13.86
C ARG A 123 5.13 -1.49 -13.63
N TYR A 124 4.62 -1.30 -12.41
CA TYR A 124 4.06 -0.05 -12.01
C TYR A 124 5.09 0.72 -11.20
N THR A 125 5.18 2.01 -11.50
CA THR A 125 5.92 2.98 -10.70
CA THR A 125 5.90 2.96 -10.67
C THR A 125 4.88 4.06 -10.43
N THR A 126 4.38 4.10 -9.20
CA THR A 126 3.24 4.97 -8.88
C THR A 126 3.42 5.62 -7.52
N HIS A 127 2.50 6.52 -7.17
CA HIS A 127 2.52 7.13 -5.84
C HIS A 127 1.15 6.99 -5.22
N LEU A 128 1.15 6.36 -4.05
CA LEU A 128 -0.07 6.14 -3.29
C LEU A 128 -0.30 7.37 -2.41
N GLU A 129 -1.38 8.09 -2.68
CA GLU A 129 -1.66 9.39 -2.05
C GLU A 129 -2.70 9.19 -0.98
N PHE A 130 -2.32 9.46 0.28
CA PHE A 130 -3.34 9.38 1.37
C PHE A 130 -4.26 10.59 1.28
N GLU A 131 -5.54 10.40 1.61
CA GLU A 131 -6.53 11.49 1.47
C GLU A 131 -6.19 12.63 2.45
N LYS A 132 -5.67 12.23 3.60
CA LYS A 132 -5.11 13.15 4.60
CA LYS A 132 -5.09 13.18 4.58
C LYS A 132 -3.78 12.57 5.06
N ALA A 133 -2.91 13.41 5.60
CA ALA A 133 -1.65 12.90 6.13
C ALA A 133 -1.89 11.81 7.20
N ILE A 134 -0.96 10.87 7.32
CA ILE A 134 -1.04 9.89 8.41
C ILE A 134 -1.16 10.65 9.75
N PRO A 135 -2.21 10.38 10.52
CA PRO A 135 -2.41 11.12 11.78
C PRO A 135 -1.52 10.65 12.93
N THR A 136 -1.32 11.51 13.93
CA THR A 136 -0.79 11.06 15.19
CA THR A 136 -0.80 11.04 15.21
C THR A 136 -1.96 10.43 15.96
N LEU A 137 -1.73 9.29 16.56
CA LEU A 137 -2.84 8.64 17.25
C LEU A 137 -2.52 8.55 18.73
N ALA A 138 -3.55 8.58 19.57
CA ALA A 138 -3.33 8.59 21.02
C ALA A 138 -3.09 7.19 21.56
S SO4 B . -8.17 11.83 -12.42
O1 SO4 B . -9.39 12.06 -13.20
O2 SO4 B . -8.34 12.48 -11.11
O3 SO4 B . -7.87 10.45 -12.11
O4 SO4 B . -7.07 12.53 -13.09
C1 EDO C . 12.44 4.69 -5.01
O1 EDO C . 13.65 5.31 -5.47
C2 EDO C . 11.71 4.02 -6.18
O2 EDO C . 12.54 2.99 -6.78
#